data_4IZD
#
_entry.id   4IZD
#
_cell.length_a   117.130
_cell.length_b   117.130
_cell.length_c   117.130
_cell.angle_alpha   90.00
_cell.angle_beta   90.00
_cell.angle_gamma   90.00
#
_symmetry.space_group_name_H-M   'P 21 3'
#
loop_
_entity.id
_entity.type
_entity.pdbx_description
1 polymer 'Enoyl-CoA hydratase/isomerase family protein'
2 non-polymer '3-methylmercaptopropionate-CoA (MMPA-CoA)'
3 water water
#
_entity_poly.entity_id   1
_entity_poly.type   'polypeptide(L)'
_entity_poly.pdbx_seq_one_letter_code
;MTQDVTSGYSNLDLDLRDNGVCVVTLNRPDKRNALDVATIEELVTFFSTAHRKGVRAVVLTGAGDHFCAGLDLVEHWKAD
RSADDFMHVCLRWHEAFNKMEYGGVPIIAALRGAVVGGGLALASAAHLRVMDQSTYFALPEGQRGIFTGGGATIRVSDMI
GKYRMIDMILTGRVYQGQEAADLGLAQYITEGSSFDKAMELADKIASNLPLTNFAICSAISHMQNMSGLDAAYAEAFVGG
IVNTQPAARERLEAFANKTAARVRPNSLEHHHHHH
;
_entity_poly.pdbx_strand_id   A,B
#
loop_
_chem_comp.id
_chem_comp.type
_chem_comp.name
_chem_comp.formula
1HE non-polymer '3-methylmercaptopropionate-CoA (MMPA-CoA)' 'C25 H42 N7 O17 P3 S2'
#
# COMPACT_ATOMS: atom_id res chain seq x y z
N THR A 2 13.20 -13.53 -18.55
CA THR A 2 12.98 -14.80 -17.80
C THR A 2 11.51 -14.99 -17.45
N GLN A 3 11.03 -16.23 -17.54
CA GLN A 3 9.63 -16.54 -17.24
C GLN A 3 9.20 -16.08 -15.85
N ASP A 4 10.16 -16.00 -14.94
CA ASP A 4 9.84 -15.59 -13.58
C ASP A 4 9.37 -14.13 -13.51
N VAL A 5 9.68 -13.37 -14.55
CA VAL A 5 9.26 -11.98 -14.61
C VAL A 5 8.16 -11.77 -15.64
N THR A 6 8.29 -12.43 -16.80
CA THR A 6 7.34 -12.26 -17.90
C THR A 6 6.08 -13.13 -17.98
N SER A 7 6.02 -14.26 -17.30
CA SER A 7 4.82 -15.09 -17.38
C SER A 7 3.85 -14.75 -16.25
N GLY A 8 2.57 -15.06 -16.47
CA GLY A 8 1.55 -14.83 -15.47
C GLY A 8 0.58 -13.72 -15.74
N TYR A 9 0.66 -13.13 -16.94
CA TYR A 9 -0.19 -12.02 -17.29
C TYR A 9 -0.95 -12.29 -18.58
N SER A 10 -2.26 -12.06 -18.54
CA SER A 10 -3.10 -12.28 -19.73
C SER A 10 -3.34 -11.01 -20.53
N ASN A 11 -3.43 -9.87 -19.85
CA ASN A 11 -3.69 -8.60 -20.51
C ASN A 11 -2.46 -7.72 -20.73
N LEU A 12 -1.31 -8.18 -20.25
CA LEU A 12 -0.06 -7.46 -20.40
C LEU A 12 0.92 -8.34 -21.18
N ASP A 13 1.72 -7.74 -22.05
CA ASP A 13 2.72 -8.48 -22.79
C ASP A 13 4.04 -7.96 -22.28
N LEU A 14 4.91 -8.85 -21.78
CA LEU A 14 6.17 -8.42 -21.23
C LEU A 14 7.39 -8.89 -22.00
N ASP A 15 8.40 -8.04 -22.06
CA ASP A 15 9.63 -8.37 -22.76
C ASP A 15 10.78 -7.85 -21.92
N LEU A 16 11.49 -8.77 -21.27
CA LEU A 16 12.63 -8.40 -20.43
C LEU A 16 13.92 -8.37 -21.23
N ARG A 17 14.54 -7.19 -21.28
CA ARG A 17 15.79 -7.02 -22.00
C ARG A 17 16.93 -7.45 -21.13
N ASP A 18 18.08 -7.71 -21.75
CA ASP A 18 19.26 -8.17 -21.02
C ASP A 18 19.82 -7.22 -19.97
N ASN A 19 19.51 -5.92 -20.06
CA ASN A 19 20.02 -4.98 -19.07
C ASN A 19 19.01 -4.70 -17.96
N GLY A 20 17.99 -5.55 -17.87
CA GLY A 20 17.00 -5.36 -16.82
C GLY A 20 15.85 -4.42 -17.15
N VAL A 21 15.84 -3.86 -18.36
CA VAL A 21 14.72 -3.01 -18.75
C VAL A 21 13.59 -3.93 -19.17
N CYS A 22 12.42 -3.77 -18.57
CA CYS A 22 11.30 -4.60 -18.95
C CYS A 22 10.23 -3.79 -19.68
N VAL A 23 9.89 -4.23 -20.89
CA VAL A 23 8.84 -3.56 -21.64
C VAL A 23 7.51 -4.17 -21.21
N VAL A 24 6.63 -3.33 -20.69
CA VAL A 24 5.31 -3.78 -20.25
C VAL A 24 4.32 -3.16 -21.21
N THR A 25 3.72 -4.01 -22.05
CA THR A 25 2.79 -3.54 -23.04
C THR A 25 1.35 -3.89 -22.74
N LEU A 26 0.50 -2.88 -22.58
CA LEU A 26 -0.92 -3.11 -22.36
C LEU A 26 -1.32 -3.88 -23.61
N ASN A 27 -1.98 -5.01 -23.45
CA ASN A 27 -2.28 -5.79 -24.64
C ASN A 27 -3.72 -6.17 -24.93
N ARG A 28 -4.58 -5.16 -25.04
CA ARG A 28 -5.98 -5.34 -25.41
C ARG A 28 -6.23 -4.29 -26.51
N PRO A 29 -5.42 -4.35 -27.59
CA PRO A 29 -5.53 -3.40 -28.70
C PRO A 29 -6.90 -3.32 -29.35
N ASP A 30 -7.63 -4.43 -29.33
CA ASP A 30 -8.95 -4.45 -29.92
C ASP A 30 -9.91 -3.57 -29.11
N LYS A 31 -9.59 -3.33 -27.84
CA LYS A 31 -10.44 -2.48 -27.01
C LYS A 31 -9.71 -1.19 -26.64
N ARG A 32 -8.68 -0.86 -27.43
CA ARG A 32 -7.86 0.34 -27.22
C ARG A 32 -7.25 0.34 -25.82
N ASN A 33 -6.91 -0.86 -25.36
CA ASN A 33 -6.27 -1.08 -24.06
C ASN A 33 -7.02 -0.56 -22.86
N ALA A 34 -8.35 -0.53 -22.97
CA ALA A 34 -9.21 -0.10 -21.87
C ALA A 34 -8.85 -0.97 -20.68
N LEU A 35 -8.85 -0.36 -19.49
CA LEU A 35 -8.48 -1.08 -18.28
C LEU A 35 -9.67 -1.66 -17.52
N ASP A 36 -9.76 -2.99 -17.52
CA ASP A 36 -10.82 -3.65 -16.77
C ASP A 36 -10.20 -4.15 -15.46
N VAL A 37 -11.02 -4.66 -14.56
CA VAL A 37 -10.51 -5.11 -13.27
C VAL A 37 -9.39 -6.14 -13.35
N ALA A 38 -9.49 -7.06 -14.30
CA ALA A 38 -8.46 -8.08 -14.46
C ALA A 38 -7.10 -7.48 -14.83
N THR A 39 -7.11 -6.49 -15.71
CA THR A 39 -5.85 -5.86 -16.13
C THR A 39 -5.26 -5.08 -14.96
N ILE A 40 -6.11 -4.36 -14.24
CA ILE A 40 -5.65 -3.61 -13.07
C ILE A 40 -4.98 -4.60 -12.09
N GLU A 41 -5.60 -5.76 -11.84
CA GLU A 41 -5.00 -6.71 -10.91
C GLU A 41 -3.65 -7.17 -11.43
N GLU A 42 -3.50 -7.28 -12.75
CA GLU A 42 -2.22 -7.70 -13.28
C GLU A 42 -1.18 -6.61 -13.05
N LEU A 43 -1.61 -5.35 -13.17
CA LEU A 43 -0.70 -4.24 -12.91
C LEU A 43 -0.31 -4.25 -11.41
N VAL A 44 -1.26 -4.54 -10.52
CA VAL A 44 -0.95 -4.61 -9.09
C VAL A 44 0.13 -5.67 -8.88
N THR A 45 -0.09 -6.85 -9.44
CA THR A 45 0.89 -7.91 -9.28
C THR A 45 2.28 -7.56 -9.82
N PHE A 46 2.34 -7.06 -11.05
CA PHE A 46 3.63 -6.75 -11.63
C PHE A 46 4.40 -5.69 -10.86
N PHE A 47 3.72 -4.59 -10.55
CA PHE A 47 4.41 -3.51 -9.86
C PHE A 47 4.64 -3.73 -8.37
N SER A 48 4.03 -4.76 -7.81
CA SER A 48 4.24 -5.11 -6.42
C SER A 48 5.54 -5.89 -6.32
N THR A 49 5.87 -6.61 -7.38
CA THR A 49 7.06 -7.46 -7.36
C THR A 49 8.27 -7.10 -8.21
N ALA A 50 8.11 -6.15 -9.13
CA ALA A 50 9.20 -5.77 -10.03
C ALA A 50 10.52 -5.46 -9.34
N HIS A 51 10.47 -4.67 -8.30
CA HIS A 51 11.71 -4.33 -7.61
C HIS A 51 12.42 -5.57 -7.05
N ARG A 52 11.68 -6.40 -6.33
CA ARG A 52 12.27 -7.60 -5.73
C ARG A 52 12.69 -8.64 -6.78
N LYS A 53 12.08 -8.58 -7.96
CA LYS A 53 12.43 -9.51 -9.06
C LYS A 53 13.62 -9.02 -9.88
N GLY A 54 14.15 -7.86 -9.54
CA GLY A 54 15.32 -7.31 -10.21
C GLY A 54 15.12 -6.44 -11.43
N VAL A 55 13.88 -6.08 -11.74
CA VAL A 55 13.62 -5.22 -12.91
C VAL A 55 14.28 -3.87 -12.61
N ARG A 56 15.08 -3.38 -13.55
CA ARG A 56 15.82 -2.13 -13.36
C ARG A 56 15.10 -0.89 -13.84
N ALA A 57 14.20 -1.07 -14.81
CA ALA A 57 13.41 0.05 -15.33
C ALA A 57 12.31 -0.54 -16.19
N VAL A 58 11.21 0.18 -16.32
CA VAL A 58 10.10 -0.31 -17.11
C VAL A 58 9.75 0.68 -18.21
N VAL A 59 9.52 0.16 -19.42
CA VAL A 59 9.06 1.01 -20.52
C VAL A 59 7.61 0.55 -20.68
N LEU A 60 6.69 1.45 -20.34
CA LEU A 60 5.26 1.14 -20.39
C LEU A 60 4.64 1.67 -21.67
N THR A 61 3.99 0.80 -22.43
CA THR A 61 3.37 1.27 -23.68
C THR A 61 2.06 0.56 -23.94
N GLY A 62 1.29 1.08 -24.89
CA GLY A 62 0.04 0.45 -25.25
C GLY A 62 0.21 -0.26 -26.59
N ALA A 63 -0.36 -1.45 -26.74
CA ALA A 63 -0.25 -2.16 -28.02
C ALA A 63 -1.14 -1.41 -29.02
N GLY A 64 -0.68 -1.24 -30.26
CA GLY A 64 -1.54 -0.56 -31.21
C GLY A 64 -1.24 0.94 -31.33
N ASP A 65 -2.17 1.69 -31.93
CA ASP A 65 -1.97 3.12 -32.16
C ASP A 65 -2.36 4.04 -31.01
N HIS A 66 -2.99 3.48 -29.97
CA HIS A 66 -3.47 4.26 -28.83
C HIS A 66 -3.00 3.67 -27.51
N PHE A 67 -2.38 4.52 -26.68
CA PHE A 67 -1.86 4.09 -25.39
C PHE A 67 -2.92 3.44 -24.51
N CYS A 68 -3.98 4.17 -24.17
CA CYS A 68 -5.02 3.62 -23.31
C CYS A 68 -6.30 4.46 -23.33
N ALA A 69 -7.41 3.83 -23.68
CA ALA A 69 -8.71 4.49 -23.79
C ALA A 69 -9.43 4.70 -22.47
N GLY A 70 -8.78 4.34 -21.38
CA GLY A 70 -9.36 4.56 -20.06
C GLY A 70 -9.95 3.35 -19.37
N LEU A 71 -10.82 3.61 -18.40
CA LEU A 71 -11.49 2.54 -17.67
C LEU A 71 -12.40 1.82 -18.66
N ASP A 72 -12.52 0.50 -18.50
CA ASP A 72 -13.37 -0.29 -19.39
C ASP A 72 -14.83 0.01 -19.05
N LEU A 73 -15.43 0.92 -19.82
CA LEU A 73 -16.81 1.34 -19.60
C LEU A 73 -17.85 0.27 -19.96
N VAL A 74 -17.46 -0.70 -20.77
CA VAL A 74 -18.33 -1.79 -21.15
C VAL A 74 -18.48 -2.72 -19.96
N GLU A 75 -17.35 -3.04 -19.33
CA GLU A 75 -17.38 -3.90 -18.15
C GLU A 75 -18.15 -3.18 -17.05
N HIS A 76 -17.88 -1.88 -16.91
CA HIS A 76 -18.53 -1.06 -15.91
C HIS A 76 -20.04 -1.05 -16.11
N TRP A 77 -20.48 -0.75 -17.34
CA TRP A 77 -21.91 -0.72 -17.62
C TRP A 77 -22.59 -2.06 -17.38
N LYS A 78 -21.97 -3.14 -17.83
CA LYS A 78 -22.56 -4.46 -17.64
C LYS A 78 -22.59 -4.86 -16.18
N ALA A 79 -21.56 -4.48 -15.43
CA ALA A 79 -21.48 -4.85 -14.02
C ALA A 79 -22.55 -4.17 -13.16
N ASP A 80 -23.11 -3.05 -13.62
CA ASP A 80 -24.14 -2.32 -12.87
C ASP A 80 -23.72 -2.26 -11.38
N ARG A 81 -22.57 -1.63 -11.15
CA ARG A 81 -21.99 -1.53 -9.83
C ARG A 81 -22.67 -0.63 -8.85
N SER A 82 -22.65 -1.04 -7.57
CA SER A 82 -23.22 -0.22 -6.51
C SER A 82 -22.09 0.77 -6.13
N ALA A 83 -22.42 1.83 -5.40
CA ALA A 83 -21.40 2.79 -5.02
C ALA A 83 -20.26 2.10 -4.27
N ASP A 84 -20.57 1.13 -3.40
CA ASP A 84 -19.47 0.46 -2.69
C ASP A 84 -18.70 -0.49 -3.58
N ASP A 85 -19.37 -1.13 -4.54
CA ASP A 85 -18.63 -2.01 -5.46
C ASP A 85 -17.63 -1.17 -6.24
N PHE A 86 -18.06 0.00 -6.71
CA PHE A 86 -17.16 0.82 -7.51
C PHE A 86 -16.05 1.43 -6.64
N MET A 87 -16.39 1.81 -5.41
CA MET A 87 -15.36 2.34 -4.52
C MET A 87 -14.27 1.29 -4.42
N HIS A 88 -14.66 0.02 -4.25
CA HIS A 88 -13.66 -1.03 -4.14
C HIS A 88 -12.84 -1.19 -5.42
N VAL A 89 -13.48 -1.05 -6.58
CA VAL A 89 -12.73 -1.14 -7.83
C VAL A 89 -11.71 0.02 -7.86
N CYS A 90 -12.12 1.21 -7.43
CA CYS A 90 -11.18 2.34 -7.44
C CYS A 90 -9.98 2.08 -6.53
N LEU A 91 -10.19 1.43 -5.39
CA LEU A 91 -9.04 1.16 -4.52
C LEU A 91 -8.03 0.23 -5.17
N ARG A 92 -8.50 -0.64 -6.07
CA ARG A 92 -7.58 -1.53 -6.75
C ARG A 92 -6.74 -0.73 -7.75
N TRP A 93 -7.36 0.27 -8.39
CA TRP A 93 -6.67 1.14 -9.34
C TRP A 93 -5.58 1.86 -8.55
N HIS A 94 -5.94 2.37 -7.39
CA HIS A 94 -4.96 3.07 -6.57
C HIS A 94 -3.83 2.17 -6.10
N GLU A 95 -4.14 0.92 -5.76
CA GLU A 95 -3.09 0.03 -5.32
C GLU A 95 -2.08 -0.17 -6.46
N ALA A 96 -2.58 -0.34 -7.68
CA ALA A 96 -1.69 -0.53 -8.81
C ALA A 96 -0.83 0.71 -9.06
N PHE A 97 -1.50 1.86 -9.11
CA PHE A 97 -0.80 3.11 -9.41
C PHE A 97 0.12 3.59 -8.29
N ASN A 98 -0.25 3.32 -7.04
CA ASN A 98 0.62 3.68 -5.91
C ASN A 98 1.88 2.82 -5.93
N LYS A 99 1.72 1.56 -6.36
CA LYS A 99 2.88 0.66 -6.44
C LYS A 99 3.80 1.14 -7.57
N MET A 100 3.21 1.70 -8.60
CA MET A 100 4.01 2.23 -9.69
C MET A 100 4.77 3.47 -9.20
N GLU A 101 4.04 4.44 -8.65
CA GLU A 101 4.66 5.69 -8.22
C GLU A 101 5.69 5.59 -7.09
N TYR A 102 5.39 4.80 -6.07
CA TYR A 102 6.27 4.71 -4.91
C TYR A 102 7.09 3.44 -4.82
N GLY A 103 6.96 2.57 -5.81
CA GLY A 103 7.65 1.28 -5.79
C GLY A 103 9.15 1.27 -6.00
N GLY A 104 9.70 2.39 -6.46
CA GLY A 104 11.14 2.46 -6.65
C GLY A 104 11.74 1.93 -7.94
N VAL A 105 10.89 1.49 -8.87
CA VAL A 105 11.40 1.04 -10.17
C VAL A 105 11.02 2.12 -11.16
N PRO A 106 12.01 2.74 -11.83
CA PRO A 106 11.76 3.82 -12.81
C PRO A 106 10.83 3.34 -13.91
N ILE A 107 9.76 4.10 -14.16
CA ILE A 107 8.80 3.76 -15.20
C ILE A 107 8.77 4.89 -16.23
N ILE A 108 8.98 4.53 -17.49
CA ILE A 108 8.99 5.49 -18.60
C ILE A 108 7.87 5.09 -19.56
N ALA A 109 6.86 5.94 -19.69
CA ALA A 109 5.75 5.63 -20.57
C ALA A 109 5.98 6.12 -22.00
N ALA A 110 5.84 5.21 -22.96
CA ALA A 110 6.03 5.58 -24.36
C ALA A 110 4.61 5.75 -24.90
N LEU A 111 4.19 7.00 -25.04
CA LEU A 111 2.82 7.30 -25.46
C LEU A 111 2.63 7.48 -26.96
N ARG A 112 1.45 7.11 -27.42
CA ARG A 112 1.00 7.24 -28.81
C ARG A 112 -0.52 7.39 -28.77
N GLY A 113 -1.07 8.18 -29.69
CA GLY A 113 -2.51 8.35 -29.76
C GLY A 113 -3.20 8.78 -28.48
N ALA A 114 -4.37 8.19 -28.24
CA ALA A 114 -5.19 8.53 -27.08
C ALA A 114 -4.62 8.15 -25.72
N VAL A 115 -4.53 9.16 -24.84
CA VAL A 115 -4.08 8.97 -23.45
C VAL A 115 -5.24 9.67 -22.74
N VAL A 116 -6.34 8.94 -22.56
CA VAL A 116 -7.53 9.56 -22.04
C VAL A 116 -8.17 8.91 -20.84
N GLY A 117 -8.80 9.75 -20.03
CA GLY A 117 -9.47 9.28 -18.84
C GLY A 117 -8.55 8.44 -17.97
N GLY A 118 -8.98 7.22 -17.65
CA GLY A 118 -8.17 6.33 -16.84
C GLY A 118 -6.81 6.06 -17.48
N GLY A 119 -6.72 6.29 -18.79
CA GLY A 119 -5.47 6.10 -19.51
C GLY A 119 -4.51 7.23 -19.12
N LEU A 120 -5.04 8.44 -18.90
CA LEU A 120 -4.18 9.54 -18.47
C LEU A 120 -3.78 9.24 -16.99
N ALA A 121 -4.68 8.65 -16.21
CA ALA A 121 -4.33 8.31 -14.82
C ALA A 121 -3.15 7.30 -14.84
N LEU A 122 -3.22 6.31 -15.73
CA LEU A 122 -2.14 5.33 -15.84
C LEU A 122 -0.81 6.00 -16.26
N ALA A 123 -0.88 6.84 -17.28
CA ALA A 123 0.32 7.53 -17.78
C ALA A 123 0.95 8.38 -16.67
N SER A 124 0.09 8.97 -15.87
CA SER A 124 0.51 9.85 -14.78
C SER A 124 1.22 9.11 -13.67
N ALA A 125 0.93 7.81 -13.54
CA ALA A 125 1.55 6.96 -12.53
C ALA A 125 3.00 6.60 -12.87
N ALA A 126 3.40 6.86 -14.12
CA ALA A 126 4.80 6.62 -14.51
C ALA A 126 5.62 7.82 -14.03
N HIS A 127 6.93 7.67 -13.90
CA HIS A 127 7.76 8.79 -13.51
C HIS A 127 8.00 9.69 -14.72
N LEU A 128 8.31 9.10 -15.87
CA LEU A 128 8.57 9.85 -17.10
C LEU A 128 7.57 9.50 -18.20
N ARG A 129 7.24 10.49 -19.02
CA ARG A 129 6.34 10.30 -20.14
C ARG A 129 6.99 10.84 -21.40
N VAL A 130 6.93 10.06 -22.48
CA VAL A 130 7.48 10.43 -23.78
C VAL A 130 6.28 10.42 -24.73
N MET A 131 5.98 11.54 -25.37
CA MET A 131 4.82 11.60 -26.28
C MET A 131 5.34 11.82 -27.69
N ASP A 132 4.53 11.44 -28.68
CA ASP A 132 4.92 11.62 -30.09
C ASP A 132 3.93 12.56 -30.75
N GLN A 133 4.06 12.76 -32.05
CA GLN A 133 3.20 13.67 -32.79
C GLN A 133 1.74 13.25 -32.92
N SER A 134 1.41 12.02 -32.52
CA SER A 134 0.03 11.52 -32.60
C SER A 134 -0.67 11.52 -31.24
N THR A 135 0.10 11.75 -30.19
CA THR A 135 -0.39 11.72 -28.82
C THR A 135 -1.26 12.90 -28.39
N TYR A 136 -2.35 12.60 -27.68
CA TYR A 136 -3.22 13.62 -27.14
C TYR A 136 -3.76 13.16 -25.79
N PHE A 137 -4.08 14.16 -24.97
CA PHE A 137 -4.50 13.94 -23.59
C PHE A 137 -5.86 14.57 -23.33
N ALA A 138 -6.70 13.85 -22.58
CA ALA A 138 -8.01 14.38 -22.23
C ALA A 138 -8.65 13.54 -21.14
N LEU A 139 -9.66 14.14 -20.49
CA LEU A 139 -10.44 13.49 -19.45
C LEU A 139 -11.85 13.74 -19.95
N PRO A 140 -12.26 13.01 -20.99
CA PRO A 140 -13.58 13.16 -21.61
C PRO A 140 -14.78 12.53 -20.94
N GLU A 141 -14.56 11.73 -19.91
CA GLU A 141 -15.67 11.05 -19.23
C GLU A 141 -16.57 12.01 -18.49
N GLY A 142 -16.01 13.14 -18.05
CA GLY A 142 -16.79 14.12 -17.31
C GLY A 142 -18.04 14.52 -18.06
N GLN A 143 -17.94 14.66 -19.38
CA GLN A 143 -19.07 15.07 -20.17
C GLN A 143 -20.20 14.05 -20.08
N ARG A 144 -19.85 12.80 -19.78
CA ARG A 144 -20.87 11.77 -19.63
C ARG A 144 -21.13 11.47 -18.15
N GLY A 145 -20.94 12.49 -17.31
CA GLY A 145 -21.19 12.39 -15.88
C GLY A 145 -20.24 11.61 -14.98
N ILE A 146 -19.11 11.18 -15.52
CA ILE A 146 -18.13 10.39 -14.78
C ILE A 146 -16.97 11.21 -14.20
N PHE A 147 -16.60 10.91 -12.96
CA PHE A 147 -15.48 11.56 -12.29
C PHE A 147 -14.29 10.62 -12.52
N THR A 148 -13.20 11.13 -13.09
CA THR A 148 -12.02 10.29 -13.35
C THR A 148 -11.37 9.79 -12.06
N GLY A 149 -10.95 8.53 -12.06
CA GLY A 149 -10.30 7.96 -10.88
C GLY A 149 -8.83 7.64 -11.11
N GLY A 150 -8.32 6.64 -10.38
CA GLY A 150 -6.94 6.26 -10.56
C GLY A 150 -5.95 7.31 -10.08
N GLY A 151 -6.44 8.30 -9.33
CA GLY A 151 -5.55 9.30 -8.80
C GLY A 151 -5.14 10.36 -9.80
N ALA A 152 -5.85 10.46 -10.91
CA ALA A 152 -5.51 11.48 -11.88
C ALA A 152 -5.66 12.87 -11.24
N THR A 153 -6.66 13.06 -10.38
CA THR A 153 -6.85 14.38 -9.77
C THR A 153 -5.64 14.74 -8.90
N ILE A 154 -4.92 13.72 -8.44
CA ILE A 154 -3.75 13.92 -7.61
C ILE A 154 -2.52 14.12 -8.49
N ARG A 155 -2.27 13.15 -9.36
CA ARG A 155 -1.06 13.20 -10.16
C ARG A 155 -1.06 14.26 -11.29
N VAL A 156 -2.17 14.38 -12.01
CA VAL A 156 -2.24 15.38 -13.06
C VAL A 156 -2.13 16.78 -12.43
N SER A 157 -2.68 16.97 -11.23
CA SER A 157 -2.52 18.29 -10.59
C SER A 157 -1.02 18.57 -10.38
N ASP A 158 -0.27 17.56 -9.94
CA ASP A 158 1.18 17.74 -9.74
C ASP A 158 1.88 18.00 -11.10
N MET A 159 1.35 17.37 -12.15
CA MET A 159 1.93 17.54 -13.48
C MET A 159 1.67 18.89 -14.14
N ILE A 160 0.43 19.32 -14.12
CA ILE A 160 0.09 20.57 -14.81
C ILE A 160 -0.49 21.68 -13.97
N GLY A 161 -0.70 21.42 -12.69
CA GLY A 161 -1.28 22.44 -11.82
C GLY A 161 -2.73 22.11 -11.53
N LYS A 162 -3.13 22.28 -10.27
CA LYS A 162 -4.49 21.99 -9.85
C LYS A 162 -5.56 22.63 -10.73
N TYR A 163 -5.35 23.89 -11.11
CA TYR A 163 -6.37 24.56 -11.91
C TYR A 163 -6.46 24.09 -13.36
N ARG A 164 -5.34 23.65 -13.94
CA ARG A 164 -5.41 23.13 -15.31
C ARG A 164 -6.02 21.74 -15.25
N MET A 165 -5.83 21.04 -14.13
CA MET A 165 -6.40 19.72 -14.01
C MET A 165 -7.92 19.84 -13.88
N ILE A 166 -8.38 20.80 -13.06
CA ILE A 166 -9.82 21.02 -12.90
C ILE A 166 -10.42 21.44 -14.25
N ASP A 167 -9.70 22.28 -14.98
CA ASP A 167 -10.18 22.70 -16.30
C ASP A 167 -10.37 21.46 -17.19
N MET A 168 -9.37 20.58 -17.22
CA MET A 168 -9.49 19.38 -18.06
C MET A 168 -10.69 18.49 -17.76
N ILE A 169 -10.94 18.22 -16.48
CA ILE A 169 -12.05 17.34 -16.13
C ILE A 169 -13.40 18.06 -16.25
N LEU A 170 -13.41 19.36 -15.97
CA LEU A 170 -14.65 20.13 -16.06
C LEU A 170 -15.12 20.40 -17.51
N THR A 171 -14.17 20.61 -18.42
CA THR A 171 -14.52 20.92 -19.80
C THR A 171 -14.21 19.86 -20.86
N GLY A 172 -13.41 18.86 -20.51
CA GLY A 172 -13.06 17.83 -21.48
C GLY A 172 -12.01 18.33 -22.46
N ARG A 173 -11.41 19.47 -22.12
CA ARG A 173 -10.38 20.07 -22.94
C ARG A 173 -9.26 19.11 -23.37
N VAL A 174 -8.91 19.17 -24.65
CA VAL A 174 -7.86 18.30 -25.18
C VAL A 174 -6.53 19.03 -25.40
N TYR A 175 -5.43 18.37 -25.04
CA TYR A 175 -4.09 18.91 -25.25
C TYR A 175 -3.26 17.95 -26.06
N GLN A 176 -2.42 18.50 -26.94
CA GLN A 176 -1.57 17.66 -27.77
C GLN A 176 -0.38 18.45 -28.25
N GLY A 177 0.55 17.77 -28.92
CA GLY A 177 1.70 18.44 -29.47
C GLY A 177 2.58 19.15 -28.46
N GLN A 178 3.32 20.15 -28.94
CA GLN A 178 4.23 20.89 -28.08
C GLN A 178 3.46 21.53 -26.94
N GLU A 179 2.22 21.94 -27.21
CA GLU A 179 1.40 22.58 -26.17
C GLU A 179 1.25 21.66 -24.96
N ALA A 180 0.98 20.38 -25.21
CA ALA A 180 0.84 19.41 -24.12
C ALA A 180 2.16 19.23 -23.36
N ALA A 181 3.27 19.12 -24.10
CA ALA A 181 4.56 18.95 -23.43
C ALA A 181 4.86 20.18 -22.56
N ASP A 182 4.68 21.38 -23.12
CA ASP A 182 4.95 22.58 -22.34
C ASP A 182 4.05 22.73 -21.13
N LEU A 183 2.85 22.17 -21.22
CA LEU A 183 1.89 22.26 -20.11
C LEU A 183 2.35 21.40 -18.94
N GLY A 184 3.11 20.35 -19.23
CA GLY A 184 3.58 19.47 -18.17
C GLY A 184 2.99 18.05 -18.26
N LEU A 185 2.33 17.74 -19.38
CA LEU A 185 1.72 16.41 -19.52
C LEU A 185 2.77 15.34 -19.85
N ALA A 186 3.91 15.75 -20.42
CA ALA A 186 4.99 14.81 -20.74
C ALA A 186 6.30 15.57 -20.74
N GLN A 187 7.34 14.97 -20.17
CA GLN A 187 8.65 15.66 -20.13
C GLN A 187 9.35 15.60 -21.48
N TYR A 188 9.02 14.60 -22.28
CA TYR A 188 9.68 14.44 -23.57
C TYR A 188 8.71 14.35 -24.73
N ILE A 189 9.01 15.08 -25.81
CA ILE A 189 8.18 14.99 -27.01
C ILE A 189 9.13 14.68 -28.18
N THR A 190 8.75 13.72 -29.00
CA THR A 190 9.62 13.33 -30.11
C THR A 190 8.92 13.44 -31.45
N GLU A 191 9.73 13.68 -32.49
CA GLU A 191 9.23 13.77 -33.85
C GLU A 191 9.25 12.35 -34.43
N GLY A 192 9.95 11.46 -33.75
CA GLY A 192 10.02 10.08 -34.20
C GLY A 192 9.25 9.12 -33.32
N SER A 193 9.88 7.98 -33.02
CA SER A 193 9.26 6.96 -32.19
C SER A 193 9.34 7.26 -30.70
N SER A 194 8.19 7.34 -30.03
CA SER A 194 8.23 7.56 -28.57
C SER A 194 8.77 6.29 -27.90
N PHE A 195 8.52 5.12 -28.49
CA PHE A 195 9.05 3.89 -27.90
C PHE A 195 10.58 3.92 -27.93
N ASP A 196 11.15 4.28 -29.07
CA ASP A 196 12.61 4.33 -29.16
C ASP A 196 13.24 5.33 -28.21
N LYS A 197 12.63 6.49 -28.06
CA LYS A 197 13.14 7.50 -27.15
C LYS A 197 13.00 6.97 -25.71
N ALA A 198 11.88 6.34 -25.40
CA ALA A 198 11.69 5.77 -24.06
C ALA A 198 12.77 4.73 -23.75
N MET A 199 13.13 3.92 -24.74
CA MET A 199 14.16 2.89 -24.55
C MET A 199 15.52 3.50 -24.31
N GLU A 200 15.81 4.59 -25.00
CA GLU A 200 17.07 5.28 -24.85
C GLU A 200 17.15 5.76 -23.40
N LEU A 201 16.07 6.40 -22.94
CA LEU A 201 16.03 6.89 -21.56
C LEU A 201 16.16 5.75 -20.55
N ALA A 202 15.39 4.69 -20.78
CA ALA A 202 15.41 3.53 -19.89
C ALA A 202 16.77 2.84 -19.83
N ASP A 203 17.44 2.71 -20.96
CA ASP A 203 18.75 2.07 -20.96
C ASP A 203 19.77 2.86 -20.15
N LYS A 204 19.69 4.19 -20.24
CA LYS A 204 20.61 5.04 -19.50
C LYS A 204 20.28 4.92 -18.01
N ILE A 205 19.00 4.94 -17.69
CA ILE A 205 18.57 4.82 -16.29
C ILE A 205 18.98 3.46 -15.71
N ALA A 206 18.83 2.40 -16.50
CA ALA A 206 19.18 1.07 -16.03
C ALA A 206 20.68 0.94 -15.76
N SER A 207 21.48 1.81 -16.36
CA SER A 207 22.91 1.74 -16.14
C SER A 207 23.30 2.43 -14.83
N ASN A 208 22.34 3.06 -14.16
CA ASN A 208 22.65 3.71 -12.90
C ASN A 208 22.50 2.76 -11.71
N LEU A 209 22.87 3.22 -10.52
CA LEU A 209 22.81 2.34 -9.36
C LEU A 209 21.40 2.04 -8.91
N PRO A 210 21.12 0.75 -8.65
CA PRO A 210 19.80 0.29 -8.20
C PRO A 210 19.21 1.10 -7.04
N LEU A 211 20.03 1.32 -6.01
CA LEU A 211 19.59 2.03 -4.81
C LEU A 211 19.30 3.51 -5.08
N THR A 212 20.15 4.15 -5.87
CA THR A 212 19.97 5.55 -6.20
C THR A 212 18.65 5.71 -6.96
N ASN A 213 18.42 4.88 -7.98
CA ASN A 213 17.17 4.92 -8.74
C ASN A 213 15.99 4.62 -7.80
N PHE A 214 16.18 3.67 -6.89
CA PHE A 214 15.10 3.33 -5.96
C PHE A 214 14.66 4.54 -5.15
N ALA A 215 15.64 5.28 -4.61
CA ALA A 215 15.35 6.47 -3.79
C ALA A 215 14.69 7.54 -4.64
N ILE A 216 15.23 7.78 -5.82
CA ILE A 216 14.67 8.79 -6.69
C ILE A 216 13.22 8.46 -7.00
N CYS A 217 12.94 7.18 -7.24
CA CYS A 217 11.60 6.79 -7.61
C CYS A 217 10.66 6.35 -6.48
N SER A 218 10.90 6.85 -5.28
CA SER A 218 10.00 6.56 -4.16
C SER A 218 10.04 7.70 -3.13
N ALA A 219 11.25 8.13 -2.76
CA ALA A 219 11.41 9.17 -1.75
C ALA A 219 10.90 10.54 -2.13
N ILE A 220 11.07 10.94 -3.38
CA ILE A 220 10.63 12.26 -3.78
C ILE A 220 9.10 12.41 -3.70
N SER A 221 8.38 11.39 -4.16
CA SER A 221 6.92 11.44 -4.08
C SER A 221 6.52 11.48 -2.59
N HIS A 222 7.18 10.68 -1.76
CA HIS A 222 6.85 10.72 -0.35
C HIS A 222 7.13 12.09 0.27
N MET A 223 8.27 12.70 -0.08
CA MET A 223 8.59 13.99 0.52
C MET A 223 7.67 15.11 0.11
N GLN A 224 7.10 14.99 -1.09
CA GLN A 224 6.20 16.02 -1.54
C GLN A 224 4.90 15.99 -0.75
N ASN A 225 4.65 14.89 -0.04
CA ASN A 225 3.42 14.75 0.79
C ASN A 225 3.56 15.33 2.20
N MET A 226 4.75 15.82 2.50
CA MET A 226 5.06 16.34 3.84
C MET A 226 5.32 17.85 3.81
N SER A 227 5.34 18.46 4.98
CA SER A 227 5.73 19.87 5.09
C SER A 227 7.21 19.87 4.66
N GLY A 228 7.66 20.92 3.95
CA GLY A 228 9.05 20.93 3.54
C GLY A 228 10.01 20.89 4.73
N LEU A 229 9.57 21.33 5.90
CA LEU A 229 10.46 21.31 7.07
C LEU A 229 10.67 19.90 7.64
N ASP A 230 9.69 19.02 7.44
CA ASP A 230 9.88 17.65 7.90
C ASP A 230 10.51 16.84 6.77
N ALA A 231 10.17 17.18 5.53
CA ALA A 231 10.77 16.47 4.38
C ALA A 231 12.29 16.64 4.41
N ALA A 232 12.74 17.81 4.86
CA ALA A 232 14.19 18.07 4.92
C ALA A 232 14.89 17.00 5.74
N TYR A 233 14.33 16.72 6.90
CA TYR A 233 14.91 15.72 7.80
C TYR A 233 14.92 14.35 7.15
N ALA A 234 13.79 13.95 6.56
CA ALA A 234 13.75 12.65 5.89
C ALA A 234 14.80 12.59 4.78
N GLU A 235 14.93 13.69 4.04
CA GLU A 235 15.89 13.72 2.91
C GLU A 235 17.32 13.49 3.36
N ALA A 236 17.65 13.98 4.55
CA ALA A 236 18.99 13.79 5.11
C ALA A 236 19.28 12.30 5.31
N PHE A 237 18.28 11.55 5.76
CA PHE A 237 18.48 10.12 5.96
C PHE A 237 18.53 9.37 4.62
N VAL A 238 17.73 9.81 3.65
CA VAL A 238 17.78 9.21 2.34
C VAL A 238 19.18 9.45 1.75
N GLY A 239 19.65 10.69 1.84
CA GLY A 239 20.98 11.03 1.31
C GLY A 239 22.06 10.26 2.05
N GLY A 240 21.89 10.11 3.36
CA GLY A 240 22.87 9.37 4.16
C GLY A 240 23.07 7.94 3.67
N ILE A 241 21.96 7.25 3.39
CA ILE A 241 22.06 5.87 2.92
C ILE A 241 22.52 5.79 1.46
N VAL A 242 21.89 6.55 0.59
CA VAL A 242 22.26 6.48 -0.83
C VAL A 242 23.68 6.87 -1.17
N ASN A 243 24.12 8.01 -0.63
CA ASN A 243 25.41 8.57 -0.96
C ASN A 243 26.64 7.99 -0.28
N THR A 244 26.45 7.01 0.58
CA THR A 244 27.60 6.38 1.24
C THR A 244 27.70 4.91 0.88
N GLN A 245 26.92 4.48 -0.11
CA GLN A 245 26.98 3.08 -0.55
C GLN A 245 28.33 2.85 -1.23
N PRO A 246 28.89 1.65 -1.08
CA PRO A 246 30.19 1.34 -1.70
C PRO A 246 30.25 1.57 -3.22
N ALA A 247 29.20 1.14 -3.92
CA ALA A 247 29.13 1.30 -5.36
C ALA A 247 29.22 2.79 -5.75
N ALA A 248 28.67 3.65 -4.90
CA ALA A 248 28.71 5.09 -5.17
C ALA A 248 30.14 5.59 -5.03
N ARG A 249 30.81 5.17 -3.94
CA ARG A 249 32.19 5.59 -3.72
C ARG A 249 33.05 5.18 -4.90
N GLU A 250 32.82 3.97 -5.41
CA GLU A 250 33.58 3.47 -6.54
C GLU A 250 33.40 4.36 -7.78
N ARG A 251 32.18 4.82 -8.02
CA ARG A 251 31.92 5.67 -9.16
C ARG A 251 32.57 7.04 -9.05
N LEU A 252 32.69 7.55 -7.83
CA LEU A 252 33.34 8.83 -7.64
C LEU A 252 34.81 8.65 -8.00
N GLU A 253 35.42 7.61 -7.46
CA GLU A 253 36.82 7.31 -7.74
C GLU A 253 36.97 7.12 -9.25
N ALA A 254 36.08 6.32 -9.83
CA ALA A 254 36.11 6.05 -11.27
C ALA A 254 36.09 7.35 -12.05
N THR B 2 -10.95 -22.60 4.91
CA THR B 2 -10.91 -23.10 3.50
C THR B 2 -9.48 -23.12 2.96
N GLN B 3 -9.19 -24.10 2.12
CA GLN B 3 -7.86 -24.29 1.54
C GLN B 3 -7.31 -23.10 0.79
N ASP B 4 -8.20 -22.27 0.21
CA ASP B 4 -7.73 -21.10 -0.53
C ASP B 4 -7.37 -19.93 0.40
N VAL B 5 -7.56 -20.09 1.70
CA VAL B 5 -7.21 -19.04 2.66
C VAL B 5 -6.09 -19.42 3.61
N THR B 6 -6.08 -20.68 4.03
CA THR B 6 -5.11 -21.14 5.01
C THR B 6 -3.90 -21.95 4.53
N SER B 7 -3.82 -22.20 3.22
CA SER B 7 -2.73 -23.02 2.67
C SER B 7 -1.52 -22.27 2.15
N GLY B 8 -0.38 -22.95 2.11
CA GLY B 8 0.83 -22.35 1.59
C GLY B 8 1.73 -21.56 2.54
N TYR B 9 1.35 -21.46 3.81
CA TYR B 9 2.15 -20.73 4.80
C TYR B 9 2.99 -21.69 5.63
N SER B 10 4.00 -21.15 6.31
CA SER B 10 4.86 -21.98 7.13
C SER B 10 5.07 -21.39 8.52
N ASN B 11 5.50 -20.14 8.56
CA ASN B 11 5.75 -19.47 9.83
C ASN B 11 4.47 -19.04 10.52
N LEU B 12 3.38 -18.99 9.77
CA LEU B 12 2.10 -18.61 10.35
C LEU B 12 1.21 -19.84 10.34
N ASP B 13 0.40 -19.98 11.37
CA ASP B 13 -0.56 -21.06 11.42
C ASP B 13 -1.90 -20.35 11.27
N LEU B 14 -2.75 -20.82 10.36
CA LEU B 14 -4.02 -20.16 10.10
C LEU B 14 -5.22 -21.08 10.29
N ASP B 15 -6.26 -20.57 10.92
CA ASP B 15 -7.48 -21.35 11.16
C ASP B 15 -8.71 -20.51 10.83
N LEU B 16 -9.38 -20.81 9.73
CA LEU B 16 -10.57 -20.05 9.36
C LEU B 16 -11.84 -20.67 9.93
N ARG B 17 -12.52 -19.94 10.81
CA ARG B 17 -13.75 -20.42 11.44
C ARG B 17 -14.92 -20.23 10.49
N ASP B 18 -15.99 -20.99 10.71
CA ASP B 18 -17.15 -20.90 9.82
C ASP B 18 -17.78 -19.51 9.68
N ASN B 19 -17.68 -18.67 10.71
CA ASN B 19 -18.27 -17.33 10.61
C ASN B 19 -17.32 -16.31 9.94
N GLY B 20 -16.23 -16.79 9.37
CA GLY B 20 -15.32 -15.88 8.68
C GLY B 20 -14.22 -15.28 9.55
N VAL B 21 -14.13 -15.71 10.81
CA VAL B 21 -13.07 -15.22 11.67
C VAL B 21 -11.85 -16.10 11.41
N CYS B 22 -10.72 -15.50 11.10
CA CYS B 22 -9.50 -16.28 10.86
C CYS B 22 -8.49 -16.08 11.98
N VAL B 23 -8.05 -17.17 12.60
CA VAL B 23 -7.07 -17.08 13.67
C VAL B 23 -5.69 -17.21 13.02
N VAL B 24 -4.89 -16.15 13.18
CA VAL B 24 -3.54 -16.09 12.63
C VAL B 24 -2.57 -16.18 13.80
N THR B 25 -1.84 -17.29 13.87
CA THR B 25 -0.91 -17.53 14.96
C THR B 25 0.55 -17.53 14.53
N LEU B 26 1.35 -16.67 15.14
CA LEU B 26 2.78 -16.65 14.84
C LEU B 26 3.21 -18.01 15.39
N ASN B 27 3.88 -18.81 14.57
CA ASN B 27 4.24 -20.16 15.03
C ASN B 27 5.72 -20.48 15.13
N ARG B 28 6.46 -19.66 15.88
CA ARG B 28 7.89 -19.90 16.11
C ARG B 28 8.13 -19.72 17.60
N PRO B 29 7.35 -20.41 18.44
CA PRO B 29 7.48 -20.31 19.89
C PRO B 29 8.86 -20.52 20.50
N ASP B 30 9.68 -21.35 19.87
CA ASP B 30 11.02 -21.61 20.39
C ASP B 30 11.92 -20.40 20.15
N LYS B 31 11.46 -19.45 19.36
CA LYS B 31 12.23 -18.25 19.08
C LYS B 31 11.46 -17.05 19.59
N ARG B 32 10.41 -17.34 20.37
CA ARG B 32 9.55 -16.31 20.96
C ARG B 32 8.87 -15.50 19.84
N ASN B 33 8.62 -16.21 18.75
CA ASN B 33 7.96 -15.65 17.56
C ASN B 33 8.64 -14.42 16.96
N ALA B 34 9.97 -14.39 17.02
CA ALA B 34 10.74 -13.27 16.44
C ALA B 34 10.39 -13.19 14.96
N LEU B 35 10.21 -11.98 14.47
CA LEU B 35 9.87 -11.80 13.07
C LEU B 35 11.08 -11.71 12.16
N ASP B 36 11.31 -12.75 11.37
CA ASP B 36 12.40 -12.76 10.41
C ASP B 36 11.78 -12.36 9.07
N VAL B 37 12.61 -12.18 8.05
CA VAL B 37 12.09 -11.76 6.74
C VAL B 37 11.03 -12.69 6.13
N ALA B 38 11.21 -14.00 6.33
CA ALA B 38 10.26 -14.97 5.80
C ALA B 38 8.89 -14.80 6.43
N THR B 39 8.86 -14.57 7.74
CA THR B 39 7.58 -14.39 8.43
C THR B 39 6.91 -13.08 8.00
N ILE B 40 7.70 -12.04 7.81
CA ILE B 40 7.12 -10.75 7.38
C ILE B 40 6.49 -10.93 5.99
N GLU B 41 7.17 -11.64 5.08
CA GLU B 41 6.60 -11.83 3.76
C GLU B 41 5.27 -12.59 3.84
N GLU B 42 5.15 -13.53 4.79
CA GLU B 42 3.89 -14.27 4.92
C GLU B 42 2.80 -13.32 5.44
N LEU B 43 3.17 -12.40 6.34
CA LEU B 43 2.17 -11.46 6.83
C LEU B 43 1.76 -10.52 5.68
N VAL B 44 2.72 -10.12 4.83
CA VAL B 44 2.38 -9.28 3.68
C VAL B 44 1.39 -10.05 2.81
N THR B 45 1.71 -11.31 2.50
CA THR B 45 0.79 -12.09 1.66
C THR B 45 -0.61 -12.24 2.23
N PHE B 46 -0.68 -12.61 3.51
CA PHE B 46 -1.98 -12.80 4.13
C PHE B 46 -2.82 -11.52 4.22
N PHE B 47 -2.23 -10.43 4.70
CA PHE B 47 -3.03 -9.22 4.83
C PHE B 47 -3.28 -8.47 3.53
N SER B 48 -2.55 -8.81 2.48
CA SER B 48 -2.80 -8.16 1.19
C SER B 48 -4.04 -8.75 0.52
N THR B 49 -4.38 -9.97 0.90
CA THR B 49 -5.52 -10.64 0.27
C THR B 49 -6.67 -11.02 1.18
N ALA B 50 -6.51 -10.84 2.49
CA ALA B 50 -7.57 -11.23 3.43
C ALA B 50 -8.94 -10.64 3.11
N HIS B 51 -8.99 -9.34 2.81
CA HIS B 51 -10.28 -8.72 2.48
C HIS B 51 -10.93 -9.36 1.25
N ARG B 52 -10.20 -9.46 0.15
CA ARG B 52 -10.76 -10.04 -1.08
C ARG B 52 -11.10 -11.51 -0.92
N LYS B 53 -10.42 -12.20 0.00
CA LYS B 53 -10.69 -13.62 0.26
C LYS B 53 -11.90 -13.82 1.17
N GLY B 54 -12.45 -12.71 1.66
CA GLY B 54 -13.63 -12.81 2.49
C GLY B 54 -13.47 -13.00 3.97
N VAL B 55 -12.25 -12.82 4.47
CA VAL B 55 -12.03 -12.95 5.91
C VAL B 55 -12.80 -11.81 6.57
N ARG B 56 -13.65 -12.13 7.55
CA ARG B 56 -14.48 -11.14 8.21
C ARG B 56 -13.81 -10.44 9.38
N ALA B 57 -12.89 -11.14 10.02
CA ALA B 57 -12.15 -10.60 11.16
C ALA B 57 -10.96 -11.49 11.42
N VAL B 58 -9.94 -10.93 12.03
CA VAL B 58 -8.72 -11.66 12.35
C VAL B 58 -8.36 -11.62 13.84
N VAL B 59 -8.05 -12.79 14.40
CA VAL B 59 -7.57 -12.83 15.78
C VAL B 59 -6.11 -13.23 15.60
N LEU B 60 -5.24 -12.29 15.94
CA LEU B 60 -3.81 -12.43 15.80
C LEU B 60 -3.21 -12.82 17.14
N THR B 61 -2.43 -13.89 17.17
CA THR B 61 -1.87 -14.33 18.44
C THR B 61 -0.53 -15.02 18.22
N GLY B 62 0.20 -15.25 19.31
CA GLY B 62 1.49 -15.92 19.20
C GLY B 62 1.44 -17.28 19.91
N ALA B 63 2.02 -18.30 19.30
CA ALA B 63 2.06 -19.62 19.90
C ALA B 63 3.00 -19.52 21.09
N GLY B 64 2.71 -20.24 22.18
CA GLY B 64 3.60 -20.17 23.33
C GLY B 64 3.19 -19.14 24.35
N ASP B 65 4.13 -18.78 25.23
CA ASP B 65 3.85 -17.86 26.31
C ASP B 65 4.10 -16.39 26.02
N HIS B 66 4.63 -16.10 24.84
CA HIS B 66 4.95 -14.71 24.50
C HIS B 66 4.48 -14.35 23.10
N PHE B 67 3.70 -13.28 23.02
CA PHE B 67 3.16 -12.84 21.75
C PHE B 67 4.22 -12.72 20.66
N CYS B 68 5.19 -11.83 20.85
CA CYS B 68 6.22 -11.63 19.83
C CYS B 68 7.38 -10.85 20.40
N ALA B 69 8.59 -11.39 20.26
CA ALA B 69 9.82 -10.75 20.78
C ALA B 69 10.42 -9.71 19.83
N GLY B 70 9.72 -9.42 18.74
CA GLY B 70 10.20 -8.42 17.80
C GLY B 70 11.06 -8.90 16.66
N LEU B 71 11.91 -8.00 16.16
CA LEU B 71 12.80 -8.33 15.05
C LEU B 71 13.64 -9.52 15.45
N ASP B 72 13.84 -10.42 14.51
CA ASP B 72 14.68 -11.58 14.75
C ASP B 72 16.11 -11.02 14.76
N LEU B 73 16.61 -10.78 15.97
CA LEU B 73 17.94 -10.19 16.15
C LEU B 73 19.08 -11.08 15.68
N VAL B 74 18.87 -12.39 15.73
CA VAL B 74 19.88 -13.35 15.31
C VAL B 74 20.07 -13.25 13.81
N GLU B 75 18.98 -13.39 13.06
CA GLU B 75 19.04 -13.28 11.61
C GLU B 75 19.68 -11.94 11.27
N HIS B 76 19.25 -10.88 11.97
CA HIS B 76 19.77 -9.54 11.71
C HIS B 76 21.28 -9.42 11.94
N TRP B 77 21.73 -9.85 13.11
CA TRP B 77 23.15 -9.78 13.46
C TRP B 77 23.98 -10.57 12.46
N LYS B 78 23.53 -11.78 12.14
CA LYS B 78 24.25 -12.62 11.21
C LYS B 78 24.32 -12.06 9.80
N ALA B 79 23.21 -11.52 9.31
CA ALA B 79 23.18 -10.99 7.95
C ALA B 79 24.17 -9.83 7.76
N ASP B 80 24.59 -9.21 8.87
CA ASP B 80 25.52 -8.07 8.81
C ASP B 80 25.05 -7.19 7.64
N ARG B 81 23.86 -6.64 7.81
CA ARG B 81 23.24 -5.82 6.77
C ARG B 81 23.79 -4.43 6.58
N SER B 82 23.78 -3.96 5.33
CA SER B 82 24.19 -2.60 5.03
C SER B 82 22.96 -1.76 5.38
N ALA B 83 23.15 -0.45 5.50
CA ALA B 83 22.05 0.44 5.82
C ALA B 83 20.94 0.31 4.78
N ASP B 84 21.30 0.17 3.50
CA ASP B 84 20.26 0.03 2.50
C ASP B 84 19.58 -1.33 2.57
N ASP B 85 20.34 -2.38 2.90
CA ASP B 85 19.72 -3.71 3.03
C ASP B 85 18.64 -3.66 4.11
N PHE B 86 18.97 -3.08 5.25
CA PHE B 86 18.03 -3.01 6.36
C PHE B 86 16.86 -2.05 6.10
N MET B 87 17.11 -0.97 5.39
CA MET B 87 16.03 -0.03 5.04
C MET B 87 15.03 -0.81 4.22
N HIS B 88 15.54 -1.65 3.30
CA HIS B 88 14.62 -2.44 2.50
C HIS B 88 13.85 -3.46 3.33
N VAL B 89 14.49 -4.03 4.35
CA VAL B 89 13.78 -4.97 5.22
C VAL B 89 12.66 -4.22 5.93
N CYS B 90 12.97 -3.03 6.41
CA CYS B 90 11.95 -2.23 7.09
C CYS B 90 10.76 -1.91 6.20
N LEU B 91 11.01 -1.64 4.93
CA LEU B 91 9.89 -1.35 4.04
C LEU B 91 8.96 -2.56 3.91
N ARG B 92 9.52 -3.78 3.96
CA ARG B 92 8.65 -4.98 3.89
C ARG B 92 7.78 -5.04 5.14
N TRP B 93 8.36 -4.69 6.28
CA TRP B 93 7.59 -4.67 7.53
C TRP B 93 6.42 -3.70 7.37
N HIS B 94 6.73 -2.52 6.82
CA HIS B 94 5.68 -1.52 6.64
C HIS B 94 4.62 -1.99 5.67
N GLU B 95 5.02 -2.74 4.65
CA GLU B 95 4.03 -3.22 3.69
C GLU B 95 3.03 -4.13 4.42
N ALA B 96 3.54 -4.99 5.30
CA ALA B 96 2.68 -5.89 6.06
C ALA B 96 1.79 -5.13 7.05
N PHE B 97 2.40 -4.26 7.85
CA PHE B 97 1.67 -3.53 8.87
C PHE B 97 0.71 -2.47 8.31
N ASN B 98 1.06 -1.83 7.19
CA ASN B 98 0.15 -0.87 6.59
C ASN B 98 -1.06 -1.63 6.04
N LYS B 99 -0.83 -2.83 5.51
CA LYS B 99 -1.95 -3.63 4.99
C LYS B 99 -2.87 -4.04 6.13
N MET B 100 -2.30 -4.28 7.30
CA MET B 100 -3.12 -4.61 8.47
C MET B 100 -3.97 -3.40 8.89
N GLU B 101 -3.32 -2.25 9.07
CA GLU B 101 -4.04 -1.06 9.53
C GLU B 101 -5.06 -0.49 8.53
N TYR B 102 -4.69 -0.39 7.26
CA TYR B 102 -5.57 0.22 6.27
C TYR B 102 -6.32 -0.75 5.38
N GLY B 103 -6.10 -2.05 5.59
CA GLY B 103 -6.71 -3.08 4.76
C GLY B 103 -8.22 -3.28 4.84
N GLY B 104 -8.82 -2.84 5.94
CA GLY B 104 -10.26 -2.94 6.04
C GLY B 104 -10.78 -4.19 6.72
N VAL B 105 -9.88 -5.06 7.16
CA VAL B 105 -10.27 -6.28 7.87
C VAL B 105 -9.96 -6.09 9.36
N PRO B 106 -10.99 -6.16 10.21
CA PRO B 106 -10.79 -5.98 11.66
C PRO B 106 -9.77 -6.95 12.22
N ILE B 107 -8.78 -6.44 12.93
CA ILE B 107 -7.78 -7.32 13.53
C ILE B 107 -7.77 -7.13 15.03
N ILE B 108 -7.86 -8.24 15.76
CA ILE B 108 -7.87 -8.18 17.21
C ILE B 108 -6.69 -9.00 17.72
N ALA B 109 -5.75 -8.37 18.41
CA ALA B 109 -4.59 -9.09 18.90
C ALA B 109 -4.84 -9.66 20.30
N ALA B 110 -4.59 -10.96 20.47
CA ALA B 110 -4.79 -11.62 21.76
C ALA B 110 -3.37 -11.79 22.32
N LEU B 111 -2.98 -10.88 23.20
CA LEU B 111 -1.65 -10.84 23.76
C LEU B 111 -1.40 -11.67 25.03
N ARG B 112 -0.16 -12.13 25.15
CA ARG B 112 0.31 -12.88 26.31
C ARG B 112 1.80 -12.59 26.42
N GLY B 113 2.30 -12.50 27.65
CA GLY B 113 3.71 -12.27 27.86
C GLY B 113 4.31 -11.06 27.17
N ALA B 114 5.51 -11.25 26.65
CA ALA B 114 6.27 -10.19 25.98
C ALA B 114 5.67 -9.70 24.67
N VAL B 115 5.46 -8.38 24.61
CA VAL B 115 4.96 -7.68 23.43
C VAL B 115 6.02 -6.57 23.38
N VAL B 116 7.16 -6.90 22.80
CA VAL B 116 8.30 -5.99 22.78
C VAL B 116 8.97 -5.70 21.47
N GLY B 117 9.45 -4.45 21.35
CA GLY B 117 10.14 -4.02 20.15
C GLY B 117 9.23 -4.15 18.95
N GLY B 118 9.70 -4.83 17.91
CA GLY B 118 8.91 -5.04 16.72
C GLY B 118 7.64 -5.81 17.07
N GLY B 119 7.64 -6.49 18.22
CA GLY B 119 6.45 -7.22 18.64
C GLY B 119 5.36 -6.26 19.02
N LEU B 120 5.72 -5.12 19.61
CA LEU B 120 4.73 -4.11 19.96
C LEU B 120 4.34 -3.41 18.65
N ALA B 121 5.26 -3.32 17.69
CA ALA B 121 4.92 -2.68 16.41
C ALA B 121 3.84 -3.54 15.75
N LEU B 122 4.00 -4.86 15.82
CA LEU B 122 3.01 -5.77 15.23
C LEU B 122 1.68 -5.67 15.94
N ALA B 123 1.70 -5.67 17.27
CA ALA B 123 0.48 -5.55 18.05
C ALA B 123 -0.23 -4.22 17.76
N SER B 124 0.57 -3.17 17.57
CA SER B 124 0.01 -1.85 17.31
C SER B 124 -0.67 -1.73 15.96
N ALA B 125 -0.28 -2.59 15.01
CA ALA B 125 -0.88 -2.61 13.68
C ALA B 125 -2.29 -3.23 13.64
N ALA B 126 -2.70 -3.86 14.73
CA ALA B 126 -4.05 -4.43 14.82
C ALA B 126 -4.96 -3.29 15.29
N HIS B 127 -6.26 -3.41 15.06
CA HIS B 127 -7.20 -2.37 15.49
C HIS B 127 -7.44 -2.45 17.00
N LEU B 128 -7.66 -3.67 17.50
CA LEU B 128 -7.92 -3.88 18.93
C LEU B 128 -6.85 -4.79 19.51
N ARG B 129 -6.53 -4.57 20.78
CA ARG B 129 -5.56 -5.36 21.52
C ARG B 129 -6.20 -5.84 22.82
N VAL B 130 -6.06 -7.13 23.12
CA VAL B 130 -6.61 -7.70 24.35
C VAL B 130 -5.40 -8.24 25.11
N MET B 131 -5.16 -7.74 26.32
CA MET B 131 -4.02 -8.22 27.09
C MET B 131 -4.52 -9.03 28.29
N ASP B 132 -3.65 -9.91 28.80
CA ASP B 132 -3.99 -10.70 29.99
C ASP B 132 -3.04 -10.31 31.11
N GLN B 133 -3.09 -11.00 32.24
CA GLN B 133 -2.24 -10.65 33.38
C GLN B 133 -0.75 -10.94 33.22
N SER B 134 -0.38 -11.67 32.17
CA SER B 134 1.02 -12.00 31.93
C SER B 134 1.67 -11.05 30.92
N THR B 135 0.82 -10.25 30.26
CA THR B 135 1.30 -9.34 29.22
C THR B 135 2.08 -8.14 29.69
N TYR B 136 3.18 -7.84 29.00
CA TYR B 136 3.95 -6.63 29.31
C TYR B 136 4.49 -6.03 28.02
N PHE B 137 4.62 -4.71 28.04
CA PHE B 137 5.04 -3.96 26.86
C PHE B 137 6.34 -3.22 27.06
N ALA B 138 7.16 -3.19 26.01
CA ALA B 138 8.43 -2.47 26.05
C ALA B 138 8.97 -2.24 24.65
N LEU B 139 9.82 -1.23 24.53
CA LEU B 139 10.51 -0.91 23.28
C LEU B 139 11.95 -0.87 23.77
N PRO B 140 12.54 -2.04 24.00
CA PRO B 140 13.92 -2.16 24.48
C PRO B 140 14.98 -1.99 23.41
N GLU B 141 14.59 -1.47 22.25
CA GLU B 141 15.55 -1.26 21.16
C GLU B 141 16.83 -0.53 21.60
N GLY B 142 16.66 0.58 22.33
CA GLY B 142 17.80 1.35 22.80
C GLY B 142 18.88 0.49 23.44
N GLN B 143 18.45 -0.45 24.27
CA GLN B 143 19.35 -1.37 24.95
C GLN B 143 20.24 -2.08 23.94
N ARG B 144 19.65 -2.49 22.81
CA ARG B 144 20.41 -3.16 21.77
C ARG B 144 21.17 -2.12 20.93
N GLY B 145 21.04 -0.84 21.30
CA GLY B 145 21.68 0.24 20.58
C GLY B 145 20.96 0.58 19.28
N ILE B 146 19.73 0.09 19.11
CA ILE B 146 19.03 0.34 17.85
C ILE B 146 17.69 1.08 17.95
N PHE B 147 17.15 1.42 16.79
CA PHE B 147 15.89 2.15 16.67
C PHE B 147 14.78 1.14 16.42
N THR B 148 13.55 1.50 16.77
CA THR B 148 12.42 0.62 16.55
C THR B 148 12.06 0.63 15.07
N GLY B 149 10.96 -0.01 14.70
CA GLY B 149 10.57 -0.04 13.30
C GLY B 149 9.15 -0.54 13.22
N GLY B 150 8.70 -0.93 12.04
CA GLY B 150 7.34 -1.42 11.90
C GLY B 150 6.30 -0.34 12.20
N GLY B 151 6.73 0.92 12.16
CA GLY B 151 5.79 1.98 12.43
C GLY B 151 5.46 2.19 13.91
N ALA B 152 6.26 1.61 14.81
CA ALA B 152 5.99 1.79 16.22
C ALA B 152 6.00 3.28 16.62
N THR B 153 6.88 4.07 16.02
CA THR B 153 6.93 5.48 16.39
C THR B 153 5.66 6.23 16.01
N ILE B 154 4.95 5.70 15.03
CA ILE B 154 3.70 6.30 14.56
C ILE B 154 2.50 5.78 15.37
N ARG B 155 2.32 4.46 15.30
CA ARG B 155 1.19 3.81 15.98
C ARG B 155 1.23 3.88 17.51
N VAL B 156 2.37 3.60 18.13
CA VAL B 156 2.42 3.69 19.58
C VAL B 156 2.20 5.15 20.02
N SER B 157 2.69 6.11 19.24
CA SER B 157 2.45 7.50 19.64
C SER B 157 0.94 7.77 19.59
N ASP B 158 0.24 7.17 18.61
CA ASP B 158 -1.21 7.35 18.50
C ASP B 158 -1.89 6.68 19.70
N MET B 159 -1.33 5.56 20.15
CA MET B 159 -1.91 4.82 21.27
C MET B 159 -1.72 5.42 22.65
N ILE B 160 -0.50 5.87 22.94
CA ILE B 160 -0.22 6.38 24.29
C ILE B 160 0.28 7.81 24.38
N GLY B 161 0.44 8.45 23.23
CA GLY B 161 0.92 9.82 23.24
C GLY B 161 2.37 9.86 22.81
N LYS B 162 2.70 10.85 21.97
CA LYS B 162 4.07 11.01 21.48
C LYS B 162 5.12 10.97 22.59
N TYR B 163 4.84 11.70 23.66
CA TYR B 163 5.82 11.79 24.74
C TYR B 163 6.00 10.51 25.55
N ARG B 164 4.96 9.68 25.62
CA ARG B 164 5.10 8.42 26.35
C ARG B 164 5.82 7.44 25.43
N MET B 165 5.62 7.58 24.13
CA MET B 165 6.30 6.69 23.19
C MET B 165 7.81 7.02 23.24
N ILE B 166 8.16 8.32 23.22
CA ILE B 166 9.57 8.69 23.30
C ILE B 166 10.15 8.15 24.62
N ASP B 167 9.41 8.30 25.71
CA ASP B 167 9.85 7.80 27.02
C ASP B 167 10.16 6.28 26.90
N MET B 168 9.25 5.51 26.33
CA MET B 168 9.47 4.08 26.22
C MET B 168 10.73 3.67 25.47
N ILE B 169 10.99 4.27 24.30
CA ILE B 169 12.18 3.87 23.57
C ILE B 169 13.44 4.51 24.16
N LEU B 170 13.29 5.71 24.70
CA LEU B 170 14.44 6.41 25.27
C LEU B 170 14.94 5.82 26.60
N THR B 171 14.05 5.26 27.40
CA THR B 171 14.44 4.69 28.69
C THR B 171 14.27 3.19 28.82
N GLY B 172 13.53 2.56 27.90
CA GLY B 172 13.32 1.13 27.99
C GLY B 172 12.26 0.77 29.02
N ARG B 173 11.49 1.78 29.44
CA ARG B 173 10.44 1.62 30.43
C ARG B 173 9.43 0.53 30.08
N VAL B 174 9.13 -0.32 31.05
CA VAL B 174 8.19 -1.43 30.87
C VAL B 174 6.83 -1.13 31.50
N TYR B 175 5.77 -1.47 30.77
CA TYR B 175 4.41 -1.28 31.25
C TYR B 175 3.67 -2.62 31.24
N GLN B 176 2.81 -2.81 32.23
CA GLN B 176 2.08 -4.05 32.31
C GLN B 176 0.84 -3.89 33.17
N GLY B 177 -0.01 -4.90 33.17
CA GLY B 177 -1.21 -4.83 33.98
C GLY B 177 -2.18 -3.72 33.64
N GLN B 178 -2.99 -3.34 34.61
CA GLN B 178 -3.99 -2.31 34.43
C GLN B 178 -3.36 -0.99 34.01
N GLU B 179 -2.14 -0.72 34.49
CA GLU B 179 -1.46 0.51 34.14
C GLU B 179 -1.25 0.58 32.63
N ALA B 180 -0.86 -0.52 32.02
CA ALA B 180 -0.63 -0.56 30.58
C ALA B 180 -1.94 -0.32 29.83
N ALA B 181 -3.01 -0.97 30.29
CA ALA B 181 -4.31 -0.81 29.67
C ALA B 181 -4.76 0.63 29.75
N ASP B 182 -4.62 1.24 30.93
CA ASP B 182 -5.02 2.63 31.13
C ASP B 182 -4.17 3.62 30.34
N LEU B 183 -2.91 3.27 30.11
CA LEU B 183 -2.00 4.11 29.35
C LEU B 183 -2.41 4.16 27.87
N GLY B 184 -3.11 3.14 27.41
CA GLY B 184 -3.53 3.11 26.02
C GLY B 184 -2.83 2.04 25.21
N LEU B 185 -2.13 1.12 25.87
CA LEU B 185 -1.44 0.06 25.16
C LEU B 185 -2.39 -1.05 24.69
N ALA B 186 -3.55 -1.16 25.32
CA ALA B 186 -4.55 -2.17 24.95
C ALA B 186 -5.92 -1.72 25.41
N GLN B 187 -6.94 -1.90 24.56
CA GLN B 187 -8.28 -1.47 24.93
C GLN B 187 -8.97 -2.42 25.89
N TYR B 188 -8.50 -3.66 25.94
CA TYR B 188 -9.09 -4.68 26.79
C TYR B 188 -8.08 -5.43 27.63
N ILE B 189 -8.40 -5.65 28.91
CA ILE B 189 -7.49 -6.41 29.77
C ILE B 189 -8.38 -7.44 30.46
N THR B 190 -7.92 -8.67 30.50
CA THR B 190 -8.73 -9.73 31.12
C THR B 190 -8.00 -10.50 32.21
N GLU B 191 -8.79 -11.06 33.12
CA GLU B 191 -8.26 -11.86 34.23
C GLU B 191 -8.06 -13.27 33.72
N GLY B 192 -8.76 -13.59 32.63
CA GLY B 192 -8.66 -14.91 32.05
C GLY B 192 -7.83 -15.02 30.78
N SER B 193 -8.41 -15.67 29.79
CA SER B 193 -7.76 -15.89 28.51
C SER B 193 -7.95 -14.70 27.56
N SER B 194 -6.85 -14.10 27.08
CA SER B 194 -7.00 -12.99 26.15
C SER B 194 -7.51 -13.56 24.83
N PHE B 195 -7.12 -14.79 24.52
CA PHE B 195 -7.59 -15.41 23.29
C PHE B 195 -9.10 -15.56 23.31
N ASP B 196 -9.66 -16.05 24.41
CA ASP B 196 -11.11 -16.20 24.45
C ASP B 196 -11.82 -14.86 24.34
N LYS B 197 -11.29 -13.83 25.01
CA LYS B 197 -11.91 -12.51 24.95
C LYS B 197 -11.80 -11.98 23.52
N ALA B 198 -10.66 -12.21 22.87
CA ALA B 198 -10.48 -11.76 21.49
C ALA B 198 -11.47 -12.44 20.57
N MET B 199 -11.70 -13.74 20.80
CA MET B 199 -12.65 -14.46 19.95
C MET B 199 -14.06 -13.92 20.13
N GLU B 200 -14.40 -13.56 21.37
CA GLU B 200 -15.73 -13.01 21.63
C GLU B 200 -15.90 -11.72 20.85
N LEU B 201 -14.89 -10.85 20.94
CA LEU B 201 -14.91 -9.59 20.22
C LEU B 201 -15.02 -9.82 18.72
N ALA B 202 -14.19 -10.71 18.19
CA ALA B 202 -14.18 -11.02 16.78
C ALA B 202 -15.48 -11.61 16.28
N ASP B 203 -16.08 -12.52 17.06
CA ASP B 203 -17.35 -13.07 16.59
C ASP B 203 -18.42 -11.98 16.47
N LYS B 204 -18.46 -11.06 17.42
CA LYS B 204 -19.46 -10.00 17.36
C LYS B 204 -19.18 -9.10 16.17
N ILE B 205 -17.91 -8.77 15.97
CA ILE B 205 -17.54 -7.93 14.85
C ILE B 205 -17.91 -8.58 13.53
N ALA B 206 -17.64 -9.89 13.42
CA ALA B 206 -17.96 -10.62 12.19
C ALA B 206 -19.45 -10.69 11.91
N SER B 207 -20.27 -10.41 12.91
CA SER B 207 -21.72 -10.45 12.70
C SER B 207 -22.23 -9.11 12.17
N ASN B 208 -21.34 -8.12 12.04
CA ASN B 208 -21.77 -6.83 11.51
C ASN B 208 -21.59 -6.81 9.98
N LEU B 209 -21.98 -5.71 9.34
CA LEU B 209 -21.90 -5.63 7.88
C LEU B 209 -20.45 -5.50 7.39
N PRO B 210 -20.12 -6.24 6.31
CA PRO B 210 -18.77 -6.20 5.77
C PRO B 210 -18.31 -4.79 5.38
N LEU B 211 -19.17 -4.07 4.64
CA LEU B 211 -18.81 -2.71 4.19
C LEU B 211 -18.57 -1.75 5.36
N THR B 212 -19.44 -1.86 6.37
CA THR B 212 -19.34 -0.98 7.54
C THR B 212 -18.03 -1.26 8.28
N ASN B 213 -17.69 -2.54 8.46
CA ASN B 213 -16.42 -2.86 9.14
C ASN B 213 -15.24 -2.38 8.26
N PHE B 214 -15.37 -2.55 6.95
CA PHE B 214 -14.29 -2.15 6.05
C PHE B 214 -13.98 -0.67 6.25
N ALA B 215 -15.03 0.15 6.27
CA ALA B 215 -14.86 1.60 6.44
C ALA B 215 -14.24 1.92 7.79
N ILE B 216 -14.77 1.31 8.84
CA ILE B 216 -14.24 1.57 10.18
C ILE B 216 -12.76 1.21 10.26
N CYS B 217 -12.38 0.11 9.61
CA CYS B 217 -11.01 -0.35 9.67
C CYS B 217 -10.07 0.15 8.59
N SER B 218 -10.45 1.20 7.90
CA SER B 218 -9.54 1.77 6.90
C SER B 218 -9.70 3.29 6.84
N ALA B 219 -10.95 3.76 6.84
CA ALA B 219 -11.20 5.20 6.73
C ALA B 219 -10.75 6.06 7.89
N ILE B 220 -10.89 5.55 9.10
CA ILE B 220 -10.53 6.35 10.26
C ILE B 220 -9.03 6.61 10.31
N SER B 221 -8.22 5.59 10.04
CA SER B 221 -6.77 5.81 10.03
C SER B 221 -6.37 6.81 8.94
N HIS B 222 -7.01 6.74 7.77
CA HIS B 222 -6.66 7.69 6.71
C HIS B 222 -7.07 9.11 7.12
N MET B 223 -8.26 9.27 7.69
CA MET B 223 -8.70 10.62 8.07
C MET B 223 -7.85 11.27 9.16
N GLN B 224 -7.18 10.45 9.98
CA GLN B 224 -6.32 11.00 11.01
C GLN B 224 -5.05 11.61 10.39
N ASN B 225 -4.73 11.23 9.16
CA ASN B 225 -3.54 11.74 8.47
C ASN B 225 -3.76 13.08 7.76
N MET B 226 -4.99 13.57 7.81
CA MET B 226 -5.37 14.81 7.12
C MET B 226 -5.72 15.94 8.11
N SER B 227 -5.80 17.16 7.59
CA SER B 227 -6.30 18.30 8.39
C SER B 227 -7.76 17.90 8.68
N GLY B 228 -8.28 18.23 9.88
CA GLY B 228 -9.66 17.89 10.18
C GLY B 228 -10.67 18.50 9.22
N LEU B 229 -10.33 19.63 8.62
CA LEU B 229 -11.25 20.29 7.69
C LEU B 229 -11.38 19.55 6.38
N ASP B 230 -10.31 18.88 5.97
CA ASP B 230 -10.36 18.11 4.74
C ASP B 230 -10.91 16.72 5.06
N ALA B 231 -10.56 16.19 6.24
CA ALA B 231 -11.07 14.87 6.63
C ALA B 231 -12.61 14.87 6.69
N ALA B 232 -13.20 15.98 7.13
CA ALA B 232 -14.66 16.08 7.23
C ALA B 232 -15.33 15.82 5.87
N TYR B 233 -14.77 16.40 4.83
CA TYR B 233 -15.30 16.20 3.48
C TYR B 233 -15.20 14.72 3.11
N ALA B 234 -14.06 14.11 3.39
CA ALA B 234 -13.90 12.70 3.06
C ALA B 234 -14.89 11.84 3.88
N GLU B 235 -15.08 12.19 5.15
CA GLU B 235 -16.00 11.44 6.00
C GLU B 235 -17.42 11.42 5.43
N ALA B 236 -17.81 12.53 4.81
CA ALA B 236 -19.15 12.67 4.24
C ALA B 236 -19.35 11.67 3.11
N PHE B 237 -18.32 11.45 2.31
CA PHE B 237 -18.42 10.47 1.24
C PHE B 237 -18.41 9.04 1.78
N VAL B 238 -17.61 8.79 2.82
CA VAL B 238 -17.58 7.47 3.44
C VAL B 238 -19.00 7.18 3.98
N GLY B 239 -19.55 8.14 4.73
CA GLY B 239 -20.89 7.97 5.29
C GLY B 239 -21.95 7.84 4.19
N GLY B 240 -21.79 8.60 3.11
CA GLY B 240 -22.74 8.53 2.01
C GLY B 240 -22.85 7.11 1.46
N ILE B 241 -21.71 6.46 1.26
CA ILE B 241 -21.71 5.10 0.74
C ILE B 241 -22.15 4.04 1.77
N VAL B 242 -21.58 4.09 2.97
CA VAL B 242 -21.89 3.10 3.98
C VAL B 242 -23.31 3.20 4.51
N ASN B 243 -23.75 4.42 4.81
CA ASN B 243 -25.07 4.66 5.42
C ASN B 243 -26.31 4.50 4.53
N THR B 244 -26.11 4.33 3.23
CA THR B 244 -27.23 4.15 2.33
C THR B 244 -27.20 2.77 1.69
N GLN B 245 -26.32 1.91 2.17
CA GLN B 245 -26.24 0.56 1.62
C GLN B 245 -27.53 -0.20 1.94
N PRO B 246 -28.08 -0.92 0.96
CA PRO B 246 -29.31 -1.69 1.12
C PRO B 246 -29.34 -2.59 2.35
N ALA B 247 -28.21 -3.23 2.64
CA ALA B 247 -28.14 -4.13 3.79
C ALA B 247 -28.39 -3.46 5.14
N ALA B 248 -28.19 -2.15 5.25
CA ALA B 248 -28.41 -1.48 6.52
C ALA B 248 -29.88 -1.09 6.77
N ARG B 249 -30.68 -1.03 5.71
CA ARG B 249 -32.08 -0.65 5.86
C ARG B 249 -32.91 -1.54 6.77
N GLU B 250 -32.60 -2.84 6.79
CA GLU B 250 -33.34 -3.75 7.65
C GLU B 250 -33.10 -3.40 9.11
N ARG B 251 -31.86 -3.05 9.43
CA ARG B 251 -31.49 -2.68 10.79
C ARG B 251 -32.09 -1.32 11.17
N LEU B 252 -32.16 -0.42 10.19
CA LEU B 252 -32.72 0.90 10.42
C LEU B 252 -34.22 0.74 10.69
N GLU B 253 -34.83 -0.23 10.02
CA GLU B 253 -36.25 -0.48 10.22
C GLU B 253 -36.46 -1.04 11.62
N ALA B 254 -35.54 -1.89 12.07
CA ALA B 254 -35.60 -2.48 13.40
C ALA B 254 -35.71 -1.36 14.44
N PHE B 255 -35.06 -0.24 14.18
CA PHE B 255 -35.14 0.87 15.11
C PHE B 255 -36.46 1.62 14.91
N ALA B 256 -36.87 1.77 13.65
CA ALA B 256 -38.11 2.46 13.31
C ALA B 256 -39.23 1.99 14.24
N ASN B 257 -39.29 0.68 14.47
CA ASN B 257 -40.29 0.13 15.37
C ASN B 257 -39.68 0.02 16.77
N LYS B 258 -39.55 -1.18 17.31
CA LYS B 258 -38.97 -1.32 18.65
C LYS B 258 -38.31 -2.69 18.81
N THR B 259 -38.15 -3.39 17.69
CA THR B 259 -37.52 -4.70 17.72
C THR B 259 -36.04 -4.57 18.08
N ALA B 260 -35.46 -3.41 17.75
CA ALA B 260 -34.05 -3.13 18.03
C ALA B 260 -33.87 -2.64 19.47
C4 1HE C . -13.58 0.81 -25.15
C5 1HE C . -13.18 1.90 -24.48
C6 1HE C . -13.40 1.99 -23.16
C8 1HE C . -12.64 2.22 -26.67
N1 1HE C . -14.05 1.06 -22.47
N3 1HE C . -14.25 -0.17 -24.51
NBC 1HE C . -15.95 5.78 -24.10
CBN 1HE C . -14.95 5.78 -24.98
OAF 1HE C . -15.09 5.62 -26.20
CAW 1HE C . -13.55 5.96 -24.38
CAU 1HE C . -12.68 6.82 -25.29
NBD 1HE C . -12.39 6.11 -26.55
CBO 1HE C . -11.91 6.75 -27.62
OAG 1HE C . -11.69 7.96 -27.65
CBT 1HE C . -11.65 5.87 -28.85
OAL 1HE C . -12.03 4.52 -28.55
CBY 1HE C . -10.16 5.93 -29.19
CAB 1HE C . -9.81 7.33 -29.71
CAC 1HE C . -9.24 5.45 -28.07
CAZ 1HE C . -9.92 4.97 -30.36
OBG 1HE C . -10.80 5.30 -31.45
PCB 1HE C . -10.99 4.21 -32.63
OAP 1HE C . -12.08 4.84 -33.63
OAJ 1HE C . -9.71 3.86 -33.28
OBJ 1HE C . -11.66 2.91 -31.95
PCA 1HE C . -13.16 2.85 -31.39
OAO 1HE C . -14.07 2.33 -32.61
OAI 1HE C . -13.66 4.11 -30.80
O5' 1HE C . -13.13 1.65 -30.32
C5' 1HE C . -12.77 0.33 -30.76
C4' 1HE C . -13.15 -0.68 -29.68
O4' 1HE C . -12.54 -0.24 -28.45
C3' 1HE C . -14.66 -0.63 -29.46
O3' 1HE C . -15.13 -1.93 -29.04
PBZ 1HE C . -15.98 -2.84 -30.07
OAM 1HE C . -17.52 -2.39 -30.13
OAN 1HE C . -15.82 -4.35 -29.51
OAH 1HE C . -15.38 -2.75 -31.42
C2' 1HE C . -14.77 0.37 -28.33
O2' 1HE C . -15.98 0.14 -27.60
C1' 1HE C . -13.60 -0.10 -27.48
N9 1HE C . -13.25 0.90 -26.43
N7 1HE C . -12.66 2.78 -25.31
C2 1HE C . -14.51 -0.07 -23.14
N6 1HE C . -12.94 3.09 -22.58
C4 1HE D . 15.05 -14.42 19.74
C5 1HE D . 14.59 -13.18 19.89
C6 1HE D . 14.71 -12.30 18.91
C8 1HE D . 14.15 -14.31 21.84
N1 1HE D . 15.33 -12.57 17.76
N3 1HE D . 15.71 -14.76 18.62
NBC 1HE D . 13.09 -7.28 21.00
CBN 1HE D . 13.86 -7.72 22.02
OAF 1HE D . 14.91 -7.19 22.35
CAW 1HE D . 13.31 -8.95 22.74
CAU 1HE D . 14.49 -9.87 23.09
NBD 1HE D . 14.03 -11.11 23.73
CBO 1HE D . 13.77 -11.19 25.05
OAG 1HE D . 13.91 -10.26 25.83
CBT 1HE D . 13.33 -12.58 25.54
OAL 1HE D . 13.69 -13.58 24.60
CBY 1HE D . 11.83 -12.62 25.82
CAB 1HE D . 11.04 -12.18 24.57
CAC 1HE D . 11.50 -11.68 26.99
CAZ 1HE D . 11.43 -14.05 26.19
OBG 1HE D . 12.22 -14.49 27.30
PCB 1HE D . 12.51 -16.07 27.52
OAP 1HE D . 13.61 -16.15 28.69
OAJ 1HE D . 11.29 -16.83 27.81
OBJ 1HE D . 13.23 -16.59 26.18
PCA 1HE D . 14.82 -16.45 25.93
OAO 1HE D . 15.53 -17.61 26.79
OAI 1HE D . 15.34 -15.10 26.24
O5' 1HE D . 15.01 -16.88 24.39
C5' 1HE D . 14.57 -18.17 23.96
C4' 1HE D . 14.90 -18.35 22.47
O4' 1HE D . 14.24 -17.30 21.75
C3' 1HE D . 16.39 -18.11 22.27
O3' 1HE D . 16.87 -18.87 21.16
PBZ 1HE D . 17.74 -20.20 21.44
OAM 1HE D . 16.77 -21.24 22.21
OAN 1HE D . 18.03 -20.85 19.99
OAH 1HE D . 18.97 -19.91 22.21
C2' 1HE D . 16.43 -16.62 21.97
O2' 1HE D . 17.62 -16.30 21.25
C1' 1HE D . 15.24 -16.56 21.04
N9 1HE D . 14.81 -15.15 20.82
N7 1HE D . 14.04 -13.03 21.10
C2 1HE D . 15.86 -13.85 17.57
N6 1HE D . 14.18 -11.09 19.14
CAA 1HE D . 11.90 -3.45 12.28
SBK 1HE D . 12.95 -2.75 13.53
CAQ 1HE D . 12.57 -3.85 14.94
CAR 1HE D . 13.46 -3.56 16.16
CBM 1HE D . 13.32 -4.69 17.18
OAE 1HE D . 12.24 -5.26 17.38
SBL 1HE D . 14.84 -5.20 17.91
CAV 1HE D . 14.27 -6.57 18.98
CAT 1HE D . 13.45 -6.11 20.19
#